data_9JTG
#
_entry.id   9JTG
#
_cell.length_a   79.127
_cell.length_b   79.127
_cell.length_c   233.26
_cell.angle_alpha   90
_cell.angle_beta   90
_cell.angle_gamma   120
#
_symmetry.space_group_name_H-M   'H 3 2'
#
loop_
_entity.id
_entity.type
_entity.pdbx_description
1 polymer "S-methyl-5'-thioadenosine phosphorylase"
2 non-polymer 'PHOSPHATE ION'
3 non-polymer ADENINE
4 water water
#
_entity_poly.entity_id   1
_entity_poly.type   'polypeptide(L)'
_entity_poly.pdbx_seq_one_letter_code
;MFEITRPPGVRAHVGVIGGSGLYDPGIVENPVEVKVSTPYGNPSDFIVVGDVAGVKVAFLPRHGRGHRIPPHAINYRANI
WALKALGVKWVISVSAVGSLREDYRPGDFVVPDQFIDMTKNRRHYTFYDGPVTVHVSMADPFCEDLRQRLIDSGRRLGYT
VHERGTYVCIEGPRFSTRAESRVWKDVFKADIIGMTLVPEINLACEAQLCYATLAMVTDYDVWADRPVTAEEVERVMISN
VERARRMLYDVIPKLAGEPELERCSCCRALDTAAI
;
_entity_poly.pdbx_strand_id   A
#
loop_
_chem_comp.id
_chem_comp.type
_chem_comp.name
_chem_comp.formula
ADE non-polymer ADENINE 'C5 H5 N5'
PO4 non-polymer 'PHOSPHATE ION' 'O4 P -3'
#
# COMPACT_ATOMS: atom_id res chain seq x y z
N GLU A 3 0.00 -21.64 -0.21
CA GLU A 3 -0.28 -23.10 -0.41
C GLU A 3 -0.75 -23.69 0.92
N ILE A 4 0.17 -24.10 1.81
CA ILE A 4 -0.21 -24.47 3.18
C ILE A 4 -0.48 -23.20 3.98
N THR A 5 -1.60 -23.20 4.70
CA THR A 5 -1.83 -22.17 5.70
C THR A 5 -2.03 -22.86 7.05
N ARG A 6 -1.69 -22.14 8.12
CA ARG A 6 -2.02 -22.57 9.47
C ARG A 6 -2.66 -21.39 10.18
N PRO A 7 -3.93 -21.48 10.62
CA PRO A 7 -4.81 -22.63 10.41
C PRO A 7 -5.16 -22.91 8.95
N PRO A 8 -5.58 -24.14 8.61
CA PRO A 8 -5.94 -24.47 7.22
C PRO A 8 -7.26 -23.85 6.79
N GLY A 9 -7.42 -23.67 5.48
CA GLY A 9 -8.70 -23.32 4.87
C GLY A 9 -9.11 -21.86 5.01
N VAL A 10 -8.18 -20.97 5.40
CA VAL A 10 -8.53 -19.56 5.60
C VAL A 10 -8.51 -18.88 4.22
N ARG A 11 -9.48 -17.99 3.97
CA ARG A 11 -9.52 -17.24 2.73
C ARG A 11 -9.91 -15.81 3.10
N ALA A 12 -9.60 -14.87 2.21
CA ALA A 12 -10.04 -13.50 2.41
C ALA A 12 -10.28 -12.87 1.05
N HIS A 13 -10.99 -11.75 1.04
CA HIS A 13 -11.41 -11.10 -0.19
C HIS A 13 -10.69 -9.77 -0.39
N VAL A 14 -10.42 -9.04 0.69
CA VAL A 14 -9.80 -7.74 0.65
C VAL A 14 -8.54 -7.81 1.50
N GLY A 15 -7.42 -7.34 0.96
CA GLY A 15 -6.18 -7.21 1.73
C GLY A 15 -5.92 -5.74 2.03
N VAL A 16 -5.41 -5.48 3.21
CA VAL A 16 -4.98 -4.16 3.61
C VAL A 16 -3.51 -4.26 4.05
N ILE A 17 -2.66 -3.46 3.41
CA ILE A 17 -1.25 -3.44 3.74
C ILE A 17 -1.01 -2.10 4.39
N GLY A 18 -0.41 -2.06 5.58
N GLY A 18 -0.71 -2.20 5.68
CA GLY A 18 0.02 -0.79 6.13
CA GLY A 18 -0.64 -1.06 6.55
C GLY A 18 0.46 -0.93 7.58
C GLY A 18 0.80 -0.58 6.64
N GLY A 19 0.24 0.12 8.37
N GLY A 19 0.97 0.74 6.50
CA GLY A 19 0.58 0.10 9.78
CA GLY A 19 2.30 1.35 6.49
C GLY A 19 -0.29 -0.84 10.62
C GLY A 19 2.61 1.93 7.85
N SER A 20 0.25 -1.32 11.74
N SER A 20 3.29 3.07 7.81
CA SER A 20 -0.48 -2.21 12.62
CA SER A 20 3.73 3.76 9.01
C SER A 20 -1.68 -1.51 13.25
C SER A 20 2.52 4.08 9.88
N GLY A 21 -1.60 -0.18 13.41
N GLY A 21 2.62 3.79 11.18
CA GLY A 21 -2.65 0.62 14.03
CA GLY A 21 1.55 4.10 12.12
C GLY A 21 -3.99 0.59 13.27
C GLY A 21 0.47 3.01 12.19
N LEU A 22 -4.03 0.08 12.03
N LEU A 22 0.42 2.10 11.24
CA LEU A 22 -5.23 0.08 11.19
CA LEU A 22 -0.69 1.18 11.17
C LEU A 22 -6.22 -1.02 11.59
C LEU A 22 -0.13 -0.24 11.26
N TYR A 23 -5.67 -2.13 12.03
N TYR A 23 -0.07 -0.74 12.50
CA TYR A 23 -6.49 -3.19 12.58
CA TYR A 23 0.48 -2.05 12.81
C TYR A 23 -7.16 -2.70 13.88
C TYR A 23 -0.62 -3.03 13.25
N ASP A 24 -8.49 -2.80 13.97
N ASP A 24 -1.85 -2.52 13.50
CA ASP A 24 -9.23 -2.40 15.15
CA ASP A 24 -2.96 -3.36 13.90
C ASP A 24 -9.98 -3.60 15.71
C ASP A 24 -4.25 -2.77 13.29
N PRO A 25 -9.62 -4.14 16.90
N PRO A 25 -5.27 -3.60 12.97
CA PRO A 25 -10.24 -5.37 17.39
CA PRO A 25 -6.61 -3.11 12.62
C PRO A 25 -11.68 -5.16 17.83
C PRO A 25 -7.62 -3.19 13.77
N GLY A 26 -12.10 -3.90 17.94
N GLY A 26 -8.89 -2.80 13.48
CA GLY A 26 -13.47 -3.56 18.27
CA GLY A 26 -9.95 -2.79 14.49
C GLY A 26 -14.41 -3.70 17.08
C GLY A 26 -11.34 -3.10 13.93
N ILE A 27 -13.88 -3.69 15.85
N ILE A 27 -12.28 -3.37 14.86
CA ILE A 27 -14.65 -3.86 14.64
CA ILE A 27 -13.71 -3.50 14.59
C ILE A 27 -14.49 -5.29 14.11
C ILE A 27 -14.00 -4.74 13.74
N VAL A 28 -13.25 -5.81 14.05
CA VAL A 28 -13.03 -6.98 13.22
C VAL A 28 -13.53 -8.19 13.98
N GLU A 29 -14.48 -8.88 13.37
CA GLU A 29 -15.08 -10.04 14.00
C GLU A 29 -14.24 -11.28 13.70
N ASN A 30 -14.07 -12.13 14.73
CA ASN A 30 -13.43 -13.42 14.67
C ASN A 30 -12.05 -13.29 14.02
N PRO A 31 -11.15 -12.44 14.55
CA PRO A 31 -9.79 -12.38 14.04
C PRO A 31 -9.02 -13.68 14.27
N VAL A 32 -8.24 -14.07 13.28
CA VAL A 32 -7.37 -15.22 13.44
C VAL A 32 -6.03 -14.81 12.84
N GLU A 33 -4.95 -15.13 13.54
CA GLU A 33 -3.61 -14.91 13.04
C GLU A 33 -3.27 -16.09 12.15
N VAL A 34 -2.76 -15.84 10.95
CA VAL A 34 -2.56 -16.86 9.97
C VAL A 34 -1.09 -16.88 9.53
N LYS A 35 -0.50 -18.06 9.46
CA LYS A 35 0.78 -18.26 8.79
C LYS A 35 0.51 -18.79 7.38
N VAL A 36 1.13 -18.18 6.36
CA VAL A 36 0.89 -18.58 4.98
C VAL A 36 2.24 -18.96 4.38
N SER A 37 2.38 -20.18 3.87
CA SER A 37 3.62 -20.60 3.23
C SER A 37 3.85 -19.77 1.97
N THR A 38 5.11 -19.39 1.72
CA THR A 38 5.47 -18.75 0.47
C THR A 38 6.79 -19.36 0.05
N PRO A 39 7.07 -19.36 -1.24
CA PRO A 39 8.35 -19.82 -1.73
C PRO A 39 9.50 -18.89 -1.43
N TYR A 40 9.22 -17.73 -0.83
CA TYR A 40 10.21 -16.71 -0.56
C TYR A 40 10.47 -16.53 0.91
N GLY A 41 9.93 -17.41 1.74
CA GLY A 41 10.12 -17.28 3.16
C GLY A 41 9.06 -16.40 3.80
N ASN A 42 9.47 -15.77 4.91
CA ASN A 42 8.50 -15.17 5.81
C ASN A 42 8.00 -13.84 5.23
N PRO A 43 6.67 -13.62 5.25
CA PRO A 43 6.12 -12.27 5.16
C PRO A 43 6.49 -11.45 6.37
N SER A 44 6.19 -10.14 6.34
CA SER A 44 6.58 -9.23 7.40
C SER A 44 6.07 -9.66 8.76
N ASP A 45 4.88 -10.22 8.84
CA ASP A 45 4.35 -10.67 10.12
C ASP A 45 3.27 -11.70 9.82
N PHE A 46 2.61 -12.16 10.88
CA PHE A 46 1.36 -12.88 10.67
C PHE A 46 0.38 -11.98 9.95
N ILE A 47 -0.46 -12.63 9.19
CA ILE A 47 -1.59 -11.95 8.59
C ILE A 47 -2.78 -12.14 9.55
N VAL A 48 -3.51 -11.07 9.76
CA VAL A 48 -4.69 -11.16 10.59
C VAL A 48 -5.90 -11.20 9.67
N VAL A 49 -6.75 -12.21 9.81
CA VAL A 49 -7.94 -12.32 8.97
C VAL A 49 -9.16 -12.20 9.85
N GLY A 50 -10.11 -11.39 9.43
CA GLY A 50 -11.36 -11.28 10.17
C GLY A 50 -12.46 -10.67 9.30
N ASP A 51 -13.64 -10.46 9.90
CA ASP A 51 -14.82 -10.00 9.17
C ASP A 51 -15.06 -8.54 9.46
N VAL A 52 -15.31 -7.76 8.40
CA VAL A 52 -15.81 -6.40 8.52
C VAL A 52 -17.13 -6.30 7.76
N ALA A 53 -18.25 -6.17 8.48
CA ALA A 53 -19.57 -6.12 7.85
C ALA A 53 -19.77 -7.19 6.77
N GLY A 54 -19.38 -8.39 7.06
CA GLY A 54 -19.64 -9.54 6.23
C GLY A 54 -18.57 -9.72 5.14
N VAL A 55 -17.55 -8.84 5.06
CA VAL A 55 -16.50 -9.03 4.05
C VAL A 55 -15.26 -9.54 4.79
N LYS A 56 -14.59 -10.57 4.25
CA LYS A 56 -13.42 -11.14 4.88
C LYS A 56 -12.19 -10.32 4.46
N VAL A 57 -11.43 -9.86 5.46
CA VAL A 57 -10.35 -8.90 5.24
C VAL A 57 -9.08 -9.51 5.82
N ALA A 58 -7.95 -9.36 5.09
CA ALA A 58 -6.64 -9.81 5.55
C ALA A 58 -5.77 -8.57 5.79
N PHE A 59 -5.22 -8.43 7.00
N PHE A 59 -5.26 -8.39 7.03
CA PHE A 59 -4.43 -7.26 7.33
CA PHE A 59 -4.43 -7.25 7.39
C PHE A 59 -2.98 -7.67 7.50
C PHE A 59 -2.97 -7.72 7.45
N LEU A 60 -2.07 -7.00 6.79
CA LEU A 60 -0.64 -7.30 6.87
C LEU A 60 0.11 -6.01 7.18
N PRO A 61 0.82 -5.90 8.33
CA PRO A 61 1.63 -4.73 8.57
C PRO A 61 2.93 -4.82 7.80
N ARG A 62 3.17 -3.93 6.87
CA ARG A 62 4.31 -4.15 5.97
C ARG A 62 5.65 -4.09 6.71
N HIS A 63 5.69 -3.29 7.76
CA HIS A 63 6.93 -3.11 8.52
C HIS A 63 6.99 -4.11 9.69
N GLY A 64 6.00 -4.97 9.83
CA GLY A 64 5.88 -5.83 10.99
C GLY A 64 5.30 -5.08 12.18
N ARG A 65 4.73 -5.83 13.12
CA ARG A 65 4.35 -5.22 14.38
C ARG A 65 5.59 -4.59 15.02
N GLY A 66 5.42 -3.37 15.51
CA GLY A 66 6.49 -2.63 16.17
C GLY A 66 7.47 -1.94 15.23
N HIS A 67 7.16 -1.91 13.92
CA HIS A 67 7.93 -1.19 12.92
C HIS A 67 9.38 -1.69 12.92
N ARG A 68 9.53 -2.99 12.71
CA ARG A 68 10.79 -3.68 12.82
CA ARG A 68 10.85 -3.57 12.85
C ARG A 68 11.56 -3.78 11.51
N ILE A 69 10.90 -3.56 10.37
CA ILE A 69 11.49 -3.82 9.07
C ILE A 69 11.50 -2.57 8.21
N PRO A 70 12.67 -2.01 7.91
CA PRO A 70 12.73 -0.82 7.09
C PRO A 70 12.41 -1.11 5.64
N PRO A 71 12.14 -0.09 4.82
CA PRO A 71 11.64 -0.31 3.46
C PRO A 71 12.52 -1.19 2.58
N HIS A 72 13.85 -1.07 2.66
CA HIS A 72 14.74 -1.84 1.82
C HIS A 72 14.82 -3.31 2.21
N ALA A 73 14.40 -3.70 3.43
CA ALA A 73 14.56 -5.04 3.94
C ALA A 73 13.24 -5.83 3.90
N ILE A 74 12.15 -5.23 3.42
CA ILE A 74 10.87 -5.93 3.35
C ILE A 74 10.88 -7.03 2.31
N ASN A 75 10.30 -8.19 2.67
CA ASN A 75 10.17 -9.31 1.74
C ASN A 75 8.92 -9.08 0.90
N TYR A 76 9.02 -8.17 -0.10
CA TYR A 76 7.87 -7.77 -0.90
C TYR A 76 7.26 -9.00 -1.60
N ARG A 77 8.11 -9.91 -2.09
CA ARG A 77 7.58 -11.09 -2.80
C ARG A 77 6.73 -11.95 -1.87
N ALA A 78 7.22 -12.22 -0.67
CA ALA A 78 6.47 -13.03 0.29
C ALA A 78 5.15 -12.36 0.63
N ASN A 79 5.18 -11.05 0.83
CA ASN A 79 3.99 -10.33 1.27
C ASN A 79 2.88 -10.42 0.23
N ILE A 80 3.21 -10.20 -1.04
CA ILE A 80 2.17 -10.19 -2.07
C ILE A 80 1.74 -11.63 -2.39
N TRP A 81 2.68 -12.60 -2.39
CA TRP A 81 2.36 -14.01 -2.58
C TRP A 81 1.33 -14.45 -1.53
N ALA A 82 1.56 -14.10 -0.25
CA ALA A 82 0.71 -14.57 0.84
C ALA A 82 -0.71 -14.04 0.65
N LEU A 83 -0.85 -12.78 0.23
CA LEU A 83 -2.18 -12.21 0.06
C LEU A 83 -2.90 -12.88 -1.09
N LYS A 84 -2.16 -13.14 -2.17
CA LYS A 84 -2.74 -13.79 -3.33
C LYS A 84 -3.16 -15.21 -2.97
N ALA A 85 -2.37 -15.93 -2.19
CA ALA A 85 -2.70 -17.28 -1.80
C ALA A 85 -3.99 -17.35 -0.98
N LEU A 86 -4.34 -16.29 -0.26
CA LEU A 86 -5.55 -16.26 0.54
C LEU A 86 -6.79 -15.93 -0.28
N GLY A 87 -6.61 -15.54 -1.53
CA GLY A 87 -7.73 -15.36 -2.45
C GLY A 87 -8.17 -13.92 -2.64
N VAL A 88 -7.39 -12.95 -2.13
CA VAL A 88 -7.83 -11.57 -2.14
C VAL A 88 -7.88 -11.06 -3.58
N LYS A 89 -8.83 -10.15 -3.86
CA LYS A 89 -8.96 -9.51 -5.14
C LYS A 89 -8.60 -8.03 -5.11
N TRP A 90 -8.81 -7.38 -3.97
CA TRP A 90 -8.61 -5.97 -3.74
C TRP A 90 -7.52 -5.82 -2.69
N VAL A 91 -6.61 -4.91 -2.96
CA VAL A 91 -5.55 -4.57 -2.02
C VAL A 91 -5.51 -3.08 -1.82
N ILE A 92 -5.76 -2.65 -0.58
CA ILE A 92 -5.64 -1.27 -0.20
C ILE A 92 -4.33 -1.12 0.55
N SER A 93 -3.44 -0.32 -0.01
CA SER A 93 -2.20 0.02 0.66
C SER A 93 -2.35 1.37 1.32
N VAL A 94 -1.98 1.48 2.60
CA VAL A 94 -2.02 2.74 3.29
C VAL A 94 -0.57 3.13 3.59
N SER A 95 -0.16 4.33 3.17
CA SER A 95 1.24 4.73 3.24
C SER A 95 1.38 6.17 3.68
N ALA A 96 2.45 6.46 4.43
CA ALA A 96 2.84 7.82 4.72
C ALA A 96 3.72 8.33 3.61
N VAL A 97 3.51 9.59 3.20
CA VAL A 97 4.32 10.22 2.19
C VAL A 97 4.69 11.64 2.59
N GLY A 98 5.76 12.14 1.99
CA GLY A 98 6.13 13.54 2.06
C GLY A 98 5.50 14.27 0.88
N SER A 99 5.25 15.57 1.04
CA SER A 99 4.71 16.40 -0.01
C SER A 99 5.78 17.29 -0.66
N LEU A 100 5.69 17.45 -1.97
CA LEU A 100 6.56 18.35 -2.70
C LEU A 100 5.81 19.56 -3.22
N ARG A 101 4.60 19.81 -2.70
CA ARG A 101 3.80 20.93 -3.20
C ARG A 101 2.98 21.49 -2.05
N GLU A 102 2.87 22.83 -2.02
CA GLU A 102 2.39 23.52 -0.84
C GLU A 102 0.93 23.13 -0.56
N ASP A 103 0.15 22.82 -1.60
CA ASP A 103 -1.28 22.57 -1.48
C ASP A 103 -1.59 21.14 -1.07
N TYR A 104 -0.56 20.25 -1.09
CA TYR A 104 -0.79 18.92 -0.55
C TYR A 104 -0.24 18.97 0.88
N ARG A 105 -1.11 19.20 1.86
CA ARG A 105 -0.67 19.56 3.18
C ARG A 105 -0.63 18.41 4.14
N PRO A 106 0.21 18.46 5.19
CA PRO A 106 0.18 17.46 6.26
C PRO A 106 -1.22 17.26 6.79
N GLY A 107 -1.65 16.00 6.82
CA GLY A 107 -3.00 15.62 7.21
C GLY A 107 -3.95 15.36 6.02
N ASP A 108 -3.63 15.81 4.81
CA ASP A 108 -4.40 15.48 3.65
C ASP A 108 -4.13 14.05 3.17
N PHE A 109 -5.13 13.46 2.54
CA PHE A 109 -4.96 12.20 1.84
C PHE A 109 -4.72 12.49 0.36
N VAL A 110 -3.97 11.58 -0.27
CA VAL A 110 -3.75 11.59 -1.70
C VAL A 110 -4.01 10.18 -2.21
N VAL A 111 -4.70 10.07 -3.34
CA VAL A 111 -4.87 8.81 -4.01
C VAL A 111 -4.09 8.91 -5.31
N PRO A 112 -2.79 8.49 -5.33
CA PRO A 112 -1.99 8.71 -6.51
C PRO A 112 -2.41 7.88 -7.71
N ASP A 113 -2.06 8.40 -8.89
CA ASP A 113 -2.35 7.75 -10.15
C ASP A 113 -1.11 7.38 -10.96
N GLN A 114 0.06 7.88 -10.57
CA GLN A 114 1.29 7.56 -11.29
C GLN A 114 2.44 7.43 -10.30
N PHE A 115 3.50 6.78 -10.78
CA PHE A 115 4.73 6.76 -9.97
C PHE A 115 5.96 6.78 -10.86
N ILE A 116 7.08 7.15 -10.21
CA ILE A 116 8.43 7.09 -10.77
C ILE A 116 9.31 6.32 -9.80
N ASP A 117 9.94 5.24 -10.28
CA ASP A 117 10.76 4.37 -9.46
C ASP A 117 12.20 4.87 -9.43
N MET A 118 12.63 5.40 -8.30
CA MET A 118 14.04 5.74 -8.14
C MET A 118 14.68 4.86 -7.06
N THR A 119 14.15 3.66 -6.80
CA THR A 119 14.81 2.69 -5.93
C THR A 119 16.01 2.07 -6.63
N LYS A 120 16.87 1.43 -5.82
CA LYS A 120 18.14 0.90 -6.31
C LYS A 120 18.41 -0.50 -5.73
N ASN A 121 17.91 -0.81 -4.56
CA ASN A 121 18.49 -1.91 -3.76
C ASN A 121 17.43 -2.92 -3.28
N ARG A 122 16.35 -3.12 -4.05
CA ARG A 122 15.25 -3.95 -3.59
C ARG A 122 15.40 -5.41 -4.03
N ARG A 123 16.39 -5.72 -4.88
CA ARG A 123 16.87 -7.08 -5.16
C ARG A 123 15.96 -7.87 -6.11
N HIS A 124 14.63 -7.77 -5.95
CA HIS A 124 13.71 -8.44 -6.85
C HIS A 124 12.57 -7.51 -7.19
N TYR A 125 12.40 -7.24 -8.48
CA TYR A 125 11.42 -6.31 -8.99
C TYR A 125 10.26 -7.04 -9.70
N THR A 126 10.23 -8.35 -9.64
CA THR A 126 9.32 -9.22 -10.37
C THR A 126 9.25 -10.56 -9.65
N PHE A 127 8.19 -11.30 -9.98
CA PHE A 127 8.13 -12.69 -9.62
C PHE A 127 8.74 -13.57 -10.71
N TYR A 128 8.98 -13.05 -11.92
CA TYR A 128 9.24 -13.91 -13.08
C TYR A 128 10.69 -13.78 -13.52
N ASP A 129 11.49 -14.77 -13.14
CA ASP A 129 12.90 -14.80 -13.46
C ASP A 129 13.24 -15.80 -14.60
N GLY A 130 12.21 -16.27 -15.30
CA GLY A 130 12.32 -17.28 -16.32
C GLY A 130 11.86 -18.63 -15.77
N PRO A 131 11.50 -19.61 -16.62
CA PRO A 131 11.67 -19.57 -18.06
C PRO A 131 10.56 -18.89 -18.84
N VAL A 132 9.49 -18.49 -18.18
CA VAL A 132 8.42 -17.73 -18.80
C VAL A 132 8.78 -16.28 -18.48
N THR A 133 9.02 -15.50 -19.51
CA THR A 133 9.42 -14.12 -19.34
C THR A 133 8.11 -13.32 -19.34
N VAL A 134 7.95 -12.44 -18.36
CA VAL A 134 6.72 -11.66 -18.20
C VAL A 134 7.06 -10.17 -18.09
N HIS A 135 6.45 -9.36 -18.95
CA HIS A 135 6.68 -7.92 -18.98
C HIS A 135 5.32 -7.24 -18.89
N VAL A 136 4.86 -6.92 -17.69
CA VAL A 136 3.52 -6.35 -17.52
C VAL A 136 3.53 -4.89 -17.95
N SER A 137 2.43 -4.48 -18.56
CA SER A 137 2.27 -3.07 -18.92
CA SER A 137 2.21 -3.09 -18.94
C SER A 137 1.79 -2.33 -17.69
N MET A 138 2.48 -1.25 -17.35
CA MET A 138 2.12 -0.47 -16.17
C MET A 138 1.94 0.98 -16.51
N ALA A 139 1.45 1.29 -17.72
CA ALA A 139 1.23 2.69 -18.09
C ALA A 139 0.35 3.43 -17.07
N ASP A 140 -0.73 2.74 -16.69
CA ASP A 140 -1.68 3.17 -15.69
C ASP A 140 -1.63 2.16 -14.55
N PRO A 141 -0.69 2.34 -13.60
CA PRO A 141 -0.32 1.25 -12.72
C PRO A 141 -1.26 0.95 -11.57
N PHE A 142 -2.17 1.86 -11.18
CA PHE A 142 -3.03 1.61 -10.05
C PHE A 142 -4.38 1.15 -10.60
N CYS A 143 -5.14 0.51 -9.74
CA CYS A 143 -6.48 0.05 -10.09
C CYS A 143 -7.50 1.17 -9.94
N GLU A 144 -8.07 1.60 -11.08
CA GLU A 144 -8.92 2.77 -11.11
C GLU A 144 -10.22 2.54 -10.33
N ASP A 145 -10.77 1.32 -10.39
CA ASP A 145 -12.00 0.97 -9.70
C ASP A 145 -11.83 1.28 -8.21
N LEU A 146 -10.68 0.86 -7.66
CA LEU A 146 -10.47 1.12 -6.26
C LEU A 146 -10.10 2.56 -5.92
N ARG A 147 -9.33 3.22 -6.79
CA ARG A 147 -9.01 4.62 -6.60
C ARG A 147 -10.30 5.43 -6.43
N GLN A 148 -11.28 5.12 -7.28
CA GLN A 148 -12.48 5.96 -7.33
C GLN A 148 -13.30 5.72 -6.06
N ARG A 149 -13.28 4.47 -5.58
CA ARG A 149 -13.97 4.16 -4.34
C ARG A 149 -13.33 4.84 -3.12
N LEU A 150 -11.99 4.90 -3.07
CA LEU A 150 -11.33 5.61 -2.01
C LEU A 150 -11.63 7.10 -2.03
N ILE A 151 -11.63 7.72 -3.20
CA ILE A 151 -11.87 9.16 -3.32
C ILE A 151 -13.32 9.48 -2.84
N ASP A 152 -14.28 8.67 -3.25
CA ASP A 152 -15.68 8.85 -2.86
C ASP A 152 -15.88 8.73 -1.35
N SER A 153 -15.26 7.72 -0.71
CA SER A 153 -15.32 7.55 0.73
C SER A 153 -14.81 8.79 1.43
N GLY A 154 -13.65 9.29 0.97
CA GLY A 154 -13.03 10.39 1.67
C GLY A 154 -13.90 11.65 1.62
N ARG A 155 -14.47 11.89 0.44
CA ARG A 155 -15.38 13.00 0.23
C ARG A 155 -16.63 12.86 1.10
N ARG A 156 -17.24 11.68 1.13
CA ARG A 156 -18.44 11.46 1.93
C ARG A 156 -18.18 11.70 3.42
N LEU A 157 -16.98 11.40 3.94
CA LEU A 157 -16.64 11.63 5.33
C LEU A 157 -16.16 13.05 5.60
N GLY A 158 -16.01 13.86 4.56
CA GLY A 158 -15.59 15.25 4.69
C GLY A 158 -14.08 15.45 4.79
N TYR A 159 -13.24 14.49 4.34
CA TYR A 159 -11.81 14.66 4.47
C TYR A 159 -11.28 15.22 3.16
N THR A 160 -10.13 15.87 3.22
CA THR A 160 -9.48 16.32 2.00
C THR A 160 -8.76 15.13 1.32
N VAL A 161 -9.12 14.84 0.09
CA VAL A 161 -8.50 13.77 -0.66
C VAL A 161 -8.15 14.33 -2.02
N HIS A 162 -6.86 14.45 -2.30
CA HIS A 162 -6.38 14.84 -3.59
C HIS A 162 -6.48 13.66 -4.55
N GLU A 163 -7.09 13.89 -5.72
CA GLU A 163 -7.56 12.82 -6.57
C GLU A 163 -6.52 12.40 -7.61
N ARG A 164 -5.36 13.02 -7.61
CA ARG A 164 -4.28 12.60 -8.49
C ARG A 164 -2.95 12.86 -7.81
N GLY A 165 -1.87 12.26 -8.34
CA GLY A 165 -0.57 12.55 -7.78
C GLY A 165 0.47 11.56 -8.31
N THR A 166 1.65 12.10 -8.61
CA THR A 166 2.77 11.26 -9.01
C THR A 166 3.65 11.03 -7.76
N TYR A 167 3.84 9.76 -7.42
CA TYR A 167 4.66 9.34 -6.29
C TYR A 167 6.06 9.00 -6.80
N VAL A 168 7.07 9.68 -6.29
CA VAL A 168 8.44 9.27 -6.54
C VAL A 168 8.86 8.36 -5.38
N CYS A 169 9.28 7.13 -5.74
CA CYS A 169 9.68 6.17 -4.72
C CYS A 169 11.21 6.20 -4.64
N ILE A 170 11.75 6.55 -3.48
CA ILE A 170 13.20 6.64 -3.29
C ILE A 170 13.67 5.48 -2.42
N GLU A 171 15.00 5.20 -2.49
CA GLU A 171 15.51 3.99 -1.83
C GLU A 171 15.53 4.10 -0.30
N GLY A 172 16.01 5.22 0.25
CA GLY A 172 16.17 5.34 1.68
C GLY A 172 17.29 4.43 2.19
N PRO A 173 17.34 4.20 3.51
CA PRO A 173 16.38 4.76 4.47
C PRO A 173 16.53 6.26 4.75
N ARG A 174 17.68 6.82 4.46
CA ARG A 174 17.85 8.27 4.62
C ARG A 174 16.83 9.02 3.76
N PHE A 175 16.49 10.23 4.24
CA PHE A 175 15.67 11.14 3.45
C PHE A 175 16.53 11.86 2.41
N SER A 176 15.88 12.58 1.49
CA SER A 176 16.53 13.24 0.38
C SER A 176 17.40 14.41 0.83
N THR A 177 18.44 14.68 0.07
CA THR A 177 19.13 15.94 0.17
C THR A 177 18.26 17.03 -0.44
N ARG A 178 18.67 18.27 -0.19
CA ARG A 178 17.99 19.39 -0.83
C ARG A 178 18.15 19.35 -2.34
N ALA A 179 19.34 18.96 -2.84
CA ALA A 179 19.60 18.89 -4.25
C ALA A 179 18.73 17.81 -4.90
N GLU A 180 18.56 16.65 -4.23
CA GLU A 180 17.71 15.59 -4.75
C GLU A 180 16.26 16.06 -4.81
N SER A 181 15.78 16.69 -3.72
CA SER A 181 14.38 17.10 -3.59
C SER A 181 14.00 18.09 -4.68
N ARG A 182 14.95 18.96 -5.05
CA ARG A 182 14.78 19.92 -6.14
C ARG A 182 14.60 19.21 -7.47
N VAL A 183 15.37 18.14 -7.68
CA VAL A 183 15.17 17.28 -8.84
C VAL A 183 13.78 16.66 -8.83
N TRP A 184 13.33 16.06 -7.71
CA TRP A 184 12.03 15.41 -7.71
C TRP A 184 10.93 16.41 -8.05
N LYS A 185 11.00 17.58 -7.42
CA LYS A 185 9.92 18.58 -7.48
C LYS A 185 10.00 19.35 -8.79
N ASP A 186 11.18 19.90 -9.12
CA ASP A 186 11.23 20.87 -10.23
C ASP A 186 11.51 20.21 -11.58
N VAL A 187 12.18 19.06 -11.59
CA VAL A 187 12.60 18.45 -12.83
C VAL A 187 11.65 17.31 -13.17
N PHE A 188 11.38 16.41 -12.22
CA PHE A 188 10.50 15.30 -12.53
C PHE A 188 9.02 15.68 -12.36
N LYS A 189 8.75 16.75 -11.66
CA LYS A 189 7.39 17.22 -11.41
C LYS A 189 6.59 16.20 -10.61
N ALA A 190 7.21 15.58 -9.63
CA ALA A 190 6.49 14.68 -8.75
C ALA A 190 5.76 15.51 -7.68
N ASP A 191 4.72 14.90 -7.12
CA ASP A 191 3.85 15.50 -6.14
C ASP A 191 4.15 15.01 -4.72
N ILE A 192 4.40 13.70 -4.54
CA ILE A 192 4.60 13.11 -3.23
C ILE A 192 5.78 12.15 -3.30
N ILE A 193 6.34 11.85 -2.13
CA ILE A 193 7.59 11.07 -2.06
C ILE A 193 7.41 10.03 -0.98
N GLY A 194 7.85 8.80 -1.27
CA GLY A 194 7.85 7.78 -0.27
C GLY A 194 8.87 6.68 -0.59
N MET A 195 8.90 5.61 0.21
CA MET A 195 9.94 4.59 0.10
C MET A 195 9.44 3.17 -0.18
N THR A 196 8.13 2.87 -0.02
CA THR A 196 7.67 1.49 0.04
C THR A 196 6.83 1.07 -1.17
N LEU A 197 6.50 1.95 -2.11
CA LEU A 197 5.59 1.56 -3.18
C LEU A 197 6.17 0.52 -4.13
N VAL A 198 7.46 0.61 -4.41
CA VAL A 198 8.14 -0.25 -5.36
C VAL A 198 9.01 -1.19 -4.56
N PRO A 199 9.03 -2.51 -4.76
CA PRO A 199 8.32 -3.21 -5.83
C PRO A 199 6.96 -3.77 -5.48
N GLU A 200 6.36 -3.29 -4.38
CA GLU A 200 5.05 -3.78 -3.97
C GLU A 200 4.04 -3.71 -5.12
N ILE A 201 3.96 -2.56 -5.76
CA ILE A 201 3.00 -2.36 -6.82
C ILE A 201 3.29 -3.23 -8.04
N ASN A 202 4.57 -3.40 -8.42
CA ASN A 202 4.92 -4.25 -9.52
C ASN A 202 4.39 -5.65 -9.32
N LEU A 203 4.64 -6.17 -8.12
CA LEU A 203 4.29 -7.54 -7.76
C LEU A 203 2.77 -7.69 -7.71
N ALA A 204 2.05 -6.72 -7.14
CA ALA A 204 0.59 -6.73 -7.12
C ALA A 204 0.01 -6.79 -8.53
N CYS A 205 0.57 -6.05 -9.47
CA CYS A 205 0.15 -6.08 -10.84
C CYS A 205 0.39 -7.44 -11.47
N GLU A 206 1.60 -8.02 -11.30
CA GLU A 206 1.88 -9.33 -11.82
C GLU A 206 0.94 -10.40 -11.25
N ALA A 207 0.52 -10.26 -9.99
CA ALA A 207 -0.40 -11.18 -9.37
C ALA A 207 -1.85 -10.93 -9.76
N GLN A 208 -2.10 -9.97 -10.64
CA GLN A 208 -3.44 -9.66 -11.16
C GLN A 208 -4.38 -9.17 -10.06
N LEU A 209 -3.84 -8.42 -9.11
CA LEU A 209 -4.62 -7.81 -8.05
C LEU A 209 -5.05 -6.40 -8.44
N CYS A 210 -6.20 -5.97 -7.91
CA CYS A 210 -6.62 -4.59 -7.99
C CYS A 210 -6.07 -3.84 -6.77
N TYR A 211 -4.95 -3.13 -7.00
CA TYR A 211 -4.20 -2.46 -5.91
C TYR A 211 -4.30 -0.95 -6.08
N ALA A 212 -4.50 -0.27 -4.96
CA ALA A 212 -4.45 1.16 -4.93
C ALA A 212 -3.87 1.64 -3.61
N THR A 213 -3.32 2.85 -3.64
CA THR A 213 -2.70 3.45 -2.48
C THR A 213 -3.56 4.56 -1.92
N LEU A 214 -3.75 4.52 -0.61
CA LEU A 214 -4.25 5.66 0.12
C LEU A 214 -3.07 6.23 0.87
N ALA A 215 -2.56 7.37 0.39
CA ALA A 215 -1.39 8.00 0.97
C ALA A 215 -1.82 9.12 1.93
N MET A 216 -1.12 9.22 3.05
CA MET A 216 -1.35 10.28 4.01
C MET A 216 -0.14 11.15 4.04
N VAL A 217 -0.31 12.47 3.79
CA VAL A 217 0.80 13.40 3.79
C VAL A 217 1.22 13.68 5.22
N THR A 218 2.49 13.46 5.53
CA THR A 218 2.95 13.67 6.90
C THR A 218 3.87 14.86 7.04
N ASP A 219 4.43 15.38 5.96
CA ASP A 219 5.48 16.36 6.03
C ASP A 219 5.72 16.96 4.65
N TYR A 220 6.50 18.06 4.61
CA TYR A 220 6.88 18.71 3.37
C TYR A 220 8.35 18.48 2.98
N ASP A 221 8.87 17.31 3.33
CA ASP A 221 10.21 16.93 2.85
C ASP A 221 11.21 17.98 3.32
N VAL A 222 12.07 18.48 2.45
CA VAL A 222 13.05 19.49 2.89
C VAL A 222 12.54 20.93 2.78
N TRP A 223 11.26 21.16 2.42
CA TRP A 223 10.78 22.46 1.93
C TRP A 223 10.15 23.37 3.00
N ALA A 224 10.02 22.91 4.24
CA ALA A 224 9.52 23.73 5.33
C ALA A 224 10.70 24.37 6.07
N ASP A 225 10.40 25.09 7.17
CA ASP A 225 11.42 25.72 7.98
C ASP A 225 12.37 24.65 8.52
N ARG A 226 11.79 23.54 8.99
CA ARG A 226 12.56 22.42 9.50
C ARG A 226 12.43 21.23 8.54
N PRO A 227 13.54 20.54 8.16
CA PRO A 227 13.41 19.34 7.34
C PRO A 227 12.68 18.20 8.04
N VAL A 228 12.14 17.26 7.25
CA VAL A 228 11.48 16.09 7.80
C VAL A 228 12.44 15.29 8.70
N THR A 229 11.92 14.71 9.78
CA THR A 229 12.61 13.73 10.58
C THR A 229 11.69 12.53 10.73
N ALA A 230 12.28 11.39 11.12
CA ALA A 230 11.48 10.19 11.30
C ALA A 230 10.43 10.38 12.40
N GLU A 231 10.78 11.09 13.48
CA GLU A 231 9.87 11.22 14.62
C GLU A 231 8.64 12.05 14.20
N GLU A 232 8.83 13.02 13.30
CA GLU A 232 7.73 13.86 12.80
C GLU A 232 6.80 12.99 11.96
N VAL A 233 7.36 12.09 11.14
CA VAL A 233 6.50 11.26 10.31
C VAL A 233 5.60 10.39 11.19
N GLU A 234 6.20 9.76 12.21
CA GLU A 234 5.49 8.79 13.06
C GLU A 234 4.39 9.53 13.82
N ARG A 235 4.73 10.72 14.34
CA ARG A 235 3.84 11.51 15.17
C ARG A 235 2.62 11.92 14.37
N VAL A 236 2.87 12.42 13.15
CA VAL A 236 1.78 12.92 12.35
C VAL A 236 0.91 11.74 11.95
N MET A 237 1.54 10.58 11.70
CA MET A 237 0.82 9.43 11.19
C MET A 237 -0.16 8.99 12.27
N ILE A 238 0.37 8.82 13.48
CA ILE A 238 -0.36 8.28 14.62
C ILE A 238 -1.51 9.23 15.00
N SER A 239 -1.30 10.55 14.86
CA SER A 239 -2.35 11.56 15.08
C SER A 239 -3.53 11.39 14.13
N ASN A 240 -3.36 10.77 12.96
CA ASN A 240 -4.38 10.82 11.93
C ASN A 240 -4.81 9.42 11.50
N VAL A 241 -4.30 8.39 12.19
CA VAL A 241 -4.59 7.03 11.78
C VAL A 241 -6.07 6.79 12.02
N GLU A 242 -6.67 7.54 12.96
CA GLU A 242 -8.09 7.45 13.20
C GLU A 242 -8.88 7.79 11.93
N ARG A 243 -8.44 8.77 11.15
CA ARG A 243 -9.17 9.14 9.95
C ARG A 243 -8.98 8.08 8.87
N ALA A 244 -7.78 7.50 8.82
CA ALA A 244 -7.56 6.42 7.88
C ALA A 244 -8.43 5.24 8.25
N ARG A 245 -8.52 4.89 9.55
CA ARG A 245 -9.39 3.82 9.94
C ARG A 245 -10.84 4.06 9.53
N ARG A 246 -11.34 5.28 9.74
CA ARG A 246 -12.74 5.57 9.41
C ARG A 246 -12.96 5.37 7.92
N MET A 247 -12.02 5.81 7.08
CA MET A 247 -12.16 5.60 5.65
C MET A 247 -12.18 4.12 5.25
N LEU A 248 -11.32 3.32 5.89
CA LEU A 248 -11.21 1.90 5.57
C LEU A 248 -12.51 1.18 5.93
N TYR A 249 -13.08 1.48 7.10
CA TYR A 249 -14.31 0.80 7.53
C TYR A 249 -15.51 1.29 6.70
N ASP A 250 -15.41 2.44 6.04
CA ASP A 250 -16.41 2.92 5.09
C ASP A 250 -16.30 2.20 3.74
N VAL A 251 -15.06 1.94 3.29
CA VAL A 251 -14.91 1.44 1.94
C VAL A 251 -15.07 -0.07 1.86
N ILE A 252 -14.56 -0.81 2.86
CA ILE A 252 -14.48 -2.25 2.78
C ILE A 252 -15.84 -2.89 2.49
N PRO A 253 -16.97 -2.45 3.10
CA PRO A 253 -18.26 -3.10 2.83
C PRO A 253 -18.67 -2.97 1.38
N LYS A 254 -18.18 -1.95 0.68
CA LYS A 254 -18.52 -1.72 -0.71
C LYS A 254 -17.68 -2.60 -1.64
N LEU A 255 -16.73 -3.37 -1.10
CA LEU A 255 -15.85 -4.19 -1.92
C LEU A 255 -16.31 -5.64 -1.88
N ALA A 256 -17.58 -5.89 -1.56
CA ALA A 256 -18.05 -7.26 -1.50
C ALA A 256 -17.96 -7.96 -2.87
N GLY A 257 -18.05 -7.19 -3.95
CA GLY A 257 -18.02 -7.73 -5.28
C GLY A 257 -16.60 -7.81 -5.84
N GLU A 258 -16.56 -7.89 -7.16
CA GLU A 258 -15.33 -8.06 -7.93
C GLU A 258 -14.97 -6.71 -8.55
N PRO A 259 -13.66 -6.43 -8.78
CA PRO A 259 -13.28 -5.29 -9.57
C PRO A 259 -13.80 -5.35 -11.00
N GLU A 260 -14.15 -4.20 -11.56
CA GLU A 260 -14.59 -4.15 -12.94
C GLU A 260 -13.37 -4.23 -13.86
N LEU A 261 -13.38 -5.19 -14.80
CA LEU A 261 -12.22 -5.46 -15.64
C LEU A 261 -11.80 -4.20 -16.41
N GLU A 262 -12.76 -3.40 -16.85
CA GLU A 262 -12.44 -2.25 -17.68
C GLU A 262 -11.77 -1.14 -16.87
N ARG A 263 -11.82 -1.23 -15.53
CA ARG A 263 -11.20 -0.23 -14.68
C ARG A 263 -10.19 -0.92 -13.77
N CYS A 264 -9.62 -2.02 -14.25
CA CYS A 264 -8.56 -2.71 -13.52
C CYS A 264 -7.48 -3.09 -14.53
N SER A 265 -6.48 -2.25 -14.67
CA SER A 265 -5.45 -2.44 -15.68
C SER A 265 -4.66 -3.76 -15.51
N CYS A 266 -4.50 -4.26 -14.27
CA CYS A 266 -3.68 -5.44 -14.01
C CYS A 266 -4.51 -6.71 -13.91
N CYS A 267 -5.86 -6.60 -13.89
CA CYS A 267 -6.69 -7.75 -13.58
C CYS A 267 -6.52 -8.88 -14.59
N ARG A 268 -6.13 -8.56 -15.83
CA ARG A 268 -5.78 -9.60 -16.80
C ARG A 268 -4.39 -9.32 -17.38
N ALA A 269 -3.45 -8.86 -16.53
CA ALA A 269 -2.12 -8.44 -17.00
C ALA A 269 -1.39 -9.57 -17.74
N LEU A 270 -1.52 -10.83 -17.29
CA LEU A 270 -0.68 -11.91 -17.77
C LEU A 270 -1.12 -12.38 -19.16
N ASP A 271 -2.35 -12.08 -19.60
CA ASP A 271 -2.80 -12.50 -20.92
C ASP A 271 -1.82 -12.03 -22.01
N THR A 272 -1.30 -10.80 -21.89
CA THR A 272 -0.55 -10.20 -23.00
C THR A 272 0.93 -10.05 -22.62
N ALA A 273 1.32 -10.48 -21.43
CA ALA A 273 2.60 -10.10 -20.85
C ALA A 273 3.61 -11.24 -20.90
N ALA A 274 3.16 -12.49 -21.18
CA ALA A 274 3.99 -13.67 -20.97
C ALA A 274 4.53 -14.20 -22.29
N ILE A 275 5.83 -14.52 -22.32
CA ILE A 275 6.51 -15.03 -23.49
C ILE A 275 7.26 -16.32 -23.07
P PO4 B . 4.99 3.53 4.65
O1 PO4 B . 4.99 2.07 4.93
O2 PO4 B . 5.04 3.73 3.16
O3 PO4 B . 3.76 4.20 5.35
O4 PO4 B . 6.27 4.10 5.36
N9 ADE C . 7.82 9.12 4.06
C8 ADE C . 7.22 10.14 4.72
N7 ADE C . 7.73 11.32 4.46
C5 ADE C . 8.72 11.04 3.53
C6 ADE C . 9.66 11.85 2.87
N6 ADE C . 9.72 13.18 2.99
N1 ADE C . 10.55 11.23 2.04
C2 ADE C . 10.45 9.91 1.86
N3 ADE C . 9.65 9.05 2.47
C4 ADE C . 8.81 9.68 3.30
#